data_1ZRF
#
_entry.id   1ZRF
#
_cell.length_a   61.778
_cell.length_b   77.745
_cell.length_c   154.813
_cell.angle_alpha   90.00
_cell.angle_beta   90.00
_cell.angle_gamma   90.00
#
_symmetry.space_group_name_H-M   'P 21 21 21'
#
loop_
_entity.id
_entity.type
_entity.pdbx_description
1 polymer "5'-D(*AP*TP*TP*TP*CP*GP*AP*AP*AP*AP*AP*TP*GP*CP*GP*AP*T)-3'"
2 polymer "5'-D(*CP*TP*AP*GP*AP*TP*CP*GP*CP*AP*TP*TP*TP*TP*TP*CP*GP*AP*AP*AP*T)-3'"
3 polymer 'Catabolite gene activator'
4 non-polymer "ADENOSINE-3',5'-CYCLIC-MONOPHOSPHATE"
5 non-polymer '1,4-DIETHYLENE DIOXIDE'
6 water water
#
loop_
_entity_poly.entity_id
_entity_poly.type
_entity_poly.pdbx_seq_one_letter_code
_entity_poly.pdbx_strand_id
1 'polydeoxyribonucleotide' (DA)(DT)(DT)(DT)(DC)(DG)(DA)(DA)(DA)(DA)(DA)(DT)(DG)(DC)(DG)(DA)(DT) W,Y
2 'polydeoxyribonucleotide'
;(DC)(DT)(DA)(DG)(DA)(DT)(DC)(DG)(DC)(DA)(DT)(DT)(DT)(DT)(DT)(DC)(DG)(DA)(DA)(DA)
(DT)
;
X,Z
3 'polypeptide(L)'
;VLGKPQTDPTLEWFLSHCHIHKYPSKSTLIHQGEKAETLYYIVKGSVAVLIKDEEGKEMILSYLNQGDFIGELGLFEEGQ
ERSAWVRAKTACEVAEISYKKFRQLIQVNPDILMRLSAQMARRLQVTSEKVGNLAFLDVTGRIAQTLLNLAKQPDAMTHP
DGMQIKITRQEIGQIVGCSRETVGRILKMLEDQNLISAHGKTIVVYGTR
;
A,B
#
# COMPACT_ATOMS: atom_id res chain seq x y z
N THR E 7 -19.61 -11.74 20.39
CA THR E 7 -19.06 -10.65 21.24
C THR E 7 -18.53 -11.20 22.56
N ASP E 8 -17.68 -10.40 23.23
CA ASP E 8 -17.13 -10.80 24.51
C ASP E 8 -16.99 -9.58 25.41
N PRO E 9 -16.45 -9.75 26.63
CA PRO E 9 -16.31 -8.60 27.52
C PRO E 9 -15.39 -7.49 27.00
N THR E 10 -14.44 -7.82 26.13
CA THR E 10 -13.52 -6.82 25.59
C THR E 10 -14.21 -5.97 24.52
N LEU E 11 -14.96 -6.62 23.64
CA LEU E 11 -15.68 -5.92 22.59
C LEU E 11 -16.73 -5.01 23.21
N GLU E 12 -17.46 -5.52 24.19
CA GLU E 12 -18.50 -4.75 24.87
C GLU E 12 -17.87 -3.56 25.60
N TRP E 13 -16.73 -3.79 26.24
CA TRP E 13 -16.03 -2.70 26.92
C TRP E 13 -15.71 -1.62 25.89
N PHE E 14 -15.16 -2.04 24.76
CA PHE E 14 -14.78 -1.12 23.69
C PHE E 14 -15.98 -0.35 23.14
N LEU E 15 -17.03 -1.07 22.79
CA LEU E 15 -18.22 -0.44 22.22
C LEU E 15 -18.94 0.54 23.16
N SER E 16 -18.84 0.32 24.47
CA SER E 16 -19.51 1.21 25.42
C SER E 16 -18.89 2.60 25.39
N HIS E 17 -17.72 2.72 24.78
CA HIS E 17 -17.04 4.01 24.68
C HIS E 17 -17.26 4.63 23.29
N CYS E 18 -18.05 3.95 22.46
CA CYS E 18 -18.31 4.41 21.09
C CYS E 18 -19.76 4.82 20.83
N HIS E 19 -19.98 5.43 19.66
CA HIS E 19 -21.31 5.82 19.21
C HIS E 19 -21.60 4.87 18.05
N ILE E 20 -22.72 4.17 18.12
CA ILE E 20 -23.07 3.22 17.07
C ILE E 20 -24.10 3.78 16.10
N HIS E 21 -23.80 3.65 14.81
CA HIS E 21 -24.67 4.14 13.75
C HIS E 21 -24.83 3.07 12.67
N LYS E 22 -25.97 3.10 11.99
CA LYS E 22 -26.26 2.15 10.93
C LYS E 22 -26.32 2.85 9.58
N TYR E 23 -25.65 2.29 8.58
CA TYR E 23 -25.63 2.87 7.25
C TYR E 23 -26.23 1.90 6.22
N PRO E 24 -27.06 2.41 5.32
CA PRO E 24 -27.65 1.52 4.31
C PRO E 24 -26.66 1.29 3.16
N SER E 25 -26.90 0.25 2.38
CA SER E 25 -26.05 -0.07 1.23
C SER E 25 -25.85 1.15 0.33
N LYS E 26 -24.66 1.23 -0.28
CA LYS E 26 -24.32 2.33 -1.19
C LYS E 26 -24.03 3.67 -0.53
N SER E 27 -24.22 3.78 0.79
CA SER E 27 -23.95 5.05 1.43
C SER E 27 -22.45 5.27 1.63
N THR E 28 -22.08 6.54 1.77
CA THR E 28 -20.69 6.95 1.95
C THR E 28 -20.36 7.16 3.43
N LEU E 29 -19.42 6.38 3.97
CA LEU E 29 -19.04 6.52 5.38
C LEU E 29 -17.91 7.54 5.53
N ILE E 30 -16.98 7.52 4.60
CA ILE E 30 -15.81 8.41 4.63
C ILE E 30 -15.60 9.09 3.27
N HIS E 31 -15.46 10.41 3.30
CA HIS E 31 -15.25 11.22 2.10
C HIS E 31 -13.77 11.59 2.00
N GLN E 32 -13.16 11.33 0.85
CA GLN E 32 -11.74 11.65 0.71
C GLN E 32 -11.54 13.16 0.84
N GLY E 33 -10.44 13.56 1.48
CA GLY E 33 -10.18 14.98 1.62
C GLY E 33 -10.67 15.66 2.90
N GLU E 34 -11.66 15.09 3.57
CA GLU E 34 -12.14 15.72 4.81
C GLU E 34 -11.13 15.50 5.95
N LYS E 35 -11.20 16.38 6.95
CA LYS E 35 -10.32 16.30 8.10
C LYS E 35 -10.62 15.00 8.85
N ALA E 36 -9.57 14.31 9.28
CA ALA E 36 -9.74 13.05 10.00
C ALA E 36 -9.59 13.27 11.51
N GLU E 37 -10.66 13.03 12.26
CA GLU E 37 -10.62 13.21 13.71
C GLU E 37 -11.20 12.02 14.45
N THR E 38 -11.75 11.07 13.68
CA THR E 38 -12.38 9.91 14.26
C THR E 38 -11.97 8.59 13.59
N LEU E 39 -12.19 7.50 14.32
CA LEU E 39 -11.87 6.15 13.89
C LEU E 39 -13.18 5.36 13.88
N TYR E 40 -13.29 4.38 12.98
CA TYR E 40 -14.48 3.54 12.90
C TYR E 40 -14.12 2.05 13.05
N TYR E 41 -15.07 1.27 13.52
CA TYR E 41 -14.89 -0.17 13.67
C TYR E 41 -16.14 -0.81 13.09
N ILE E 42 -15.96 -1.72 12.15
CA ILE E 42 -17.12 -2.36 11.52
C ILE E 42 -17.68 -3.46 12.44
N VAL E 43 -18.88 -3.24 12.94
CA VAL E 43 -19.52 -4.21 13.82
C VAL E 43 -20.14 -5.32 12.99
N LYS E 44 -20.82 -4.92 11.91
CA LYS E 44 -21.47 -5.84 10.97
C LYS E 44 -21.46 -5.20 9.59
N GLY E 45 -21.31 -6.01 8.54
CA GLY E 45 -21.33 -5.48 7.18
C GLY E 45 -20.00 -5.46 6.42
N SER E 46 -20.01 -4.91 5.22
CA SER E 46 -18.78 -4.84 4.42
C SER E 46 -18.76 -3.53 3.63
N VAL E 47 -17.55 -3.04 3.37
CA VAL E 47 -17.36 -1.80 2.64
C VAL E 47 -16.27 -1.90 1.56
N ALA E 48 -16.23 -0.91 0.68
CA ALA E 48 -15.23 -0.86 -0.38
C ALA E 48 -14.43 0.42 -0.19
N VAL E 49 -13.10 0.30 -0.25
CA VAL E 49 -12.22 1.45 -0.13
C VAL E 49 -11.87 1.87 -1.56
N LEU E 50 -12.05 3.13 -1.89
CA LEU E 50 -11.72 3.55 -3.24
C LEU E 50 -11.17 4.96 -3.39
N ILE E 51 -10.49 5.16 -4.50
CA ILE E 51 -9.88 6.43 -4.86
C ILE E 51 -10.37 6.74 -6.28
N LYS E 52 -10.26 7.98 -6.70
CA LYS E 52 -10.70 8.36 -8.04
C LYS E 52 -9.86 9.45 -8.69
N ASP E 53 -9.87 9.50 -10.02
CA ASP E 53 -9.11 10.53 -10.74
C ASP E 53 -9.97 11.78 -10.93
N GLU E 54 -9.42 12.75 -11.67
CA GLU E 54 -10.10 14.01 -11.92
C GLU E 54 -11.40 13.90 -12.72
N GLU E 55 -11.52 12.84 -13.52
CA GLU E 55 -12.71 12.66 -14.33
C GLU E 55 -13.72 11.70 -13.70
N GLY E 56 -13.47 11.30 -12.47
CA GLY E 56 -14.41 10.42 -11.81
C GLY E 56 -14.12 8.93 -11.91
N LYS E 57 -13.11 8.53 -12.66
CA LYS E 57 -12.79 7.10 -12.77
C LYS E 57 -12.41 6.60 -11.36
N GLU E 58 -12.89 5.41 -11.01
CA GLU E 58 -12.63 4.85 -9.70
C GLU E 58 -11.76 3.58 -9.70
N MET E 59 -10.90 3.48 -8.70
CA MET E 59 -10.03 2.32 -8.52
C MET E 59 -10.30 1.77 -7.11
N ILE E 60 -10.67 0.50 -7.00
CA ILE E 60 -10.93 -0.08 -5.70
C ILE E 60 -9.64 -0.61 -5.09
N LEU E 61 -9.32 -0.09 -3.91
CA LEU E 61 -8.11 -0.48 -3.19
C LEU E 61 -8.33 -1.69 -2.32
N SER E 62 -9.53 -1.85 -1.81
CA SER E 62 -9.79 -2.96 -0.91
C SER E 62 -11.23 -3.09 -0.45
N TYR E 63 -11.56 -4.29 0.01
CA TYR E 63 -12.89 -4.56 0.57
C TYR E 63 -12.59 -4.79 2.05
N LEU E 64 -13.38 -4.21 2.95
CA LEU E 64 -13.17 -4.42 4.38
C LEU E 64 -14.44 -5.01 4.98
N ASN E 65 -14.31 -5.78 6.05
CA ASN E 65 -15.46 -6.45 6.67
C ASN E 65 -15.55 -6.30 8.19
N GLN E 66 -16.57 -6.92 8.80
CA GLN E 66 -16.75 -6.80 10.23
C GLN E 66 -15.48 -7.23 10.95
N GLY E 67 -15.08 -6.43 11.94
CA GLY E 67 -13.87 -6.71 12.68
C GLY E 67 -12.76 -5.75 12.24
N ASP E 68 -12.94 -5.17 11.06
CA ASP E 68 -11.96 -4.23 10.53
C ASP E 68 -12.13 -2.80 11.01
N PHE E 69 -11.02 -2.13 11.32
CA PHE E 69 -11.06 -0.72 11.69
C PHE E 69 -11.03 0.05 10.36
N ILE E 70 -11.56 1.27 10.37
CA ILE E 70 -11.55 2.12 9.18
C ILE E 70 -11.26 3.53 9.64
N GLY E 71 -10.62 4.31 8.79
CA GLY E 71 -10.30 5.70 9.11
C GLY E 71 -9.17 5.81 10.12
N GLU E 72 -8.30 4.81 10.13
CA GLU E 72 -7.19 4.76 11.06
C GLU E 72 -5.95 5.58 10.66
N LEU E 73 -5.78 5.84 9.37
CA LEU E 73 -4.57 6.53 8.92
C LEU E 73 -4.33 7.94 9.47
N GLY E 74 -5.36 8.60 10.00
CA GLY E 74 -5.16 9.93 10.56
C GLY E 74 -4.86 9.95 12.05
N LEU E 75 -4.91 8.78 12.67
CA LEU E 75 -4.69 8.67 14.11
C LEU E 75 -3.31 9.09 14.66
N PHE E 76 -2.25 8.83 13.90
CA PHE E 76 -0.89 9.09 14.38
C PHE E 76 -0.29 10.49 14.23
N GLU E 77 -0.99 11.40 13.58
CA GLU E 77 -0.49 12.76 13.40
C GLU E 77 -1.68 13.66 13.10
N GLU E 78 -1.79 14.78 13.79
CA GLU E 78 -2.92 15.68 13.57
C GLU E 78 -2.81 16.45 12.27
N GLY E 79 -3.93 17.05 11.86
CA GLY E 79 -3.96 17.82 10.63
C GLY E 79 -4.07 16.98 9.37
N GLN E 80 -4.35 15.69 9.52
CA GLN E 80 -4.46 14.78 8.38
C GLN E 80 -5.85 14.76 7.75
N GLU E 81 -5.88 14.44 6.45
CA GLU E 81 -7.12 14.35 5.68
C GLU E 81 -7.38 12.90 5.29
N ARG E 82 -8.65 12.53 5.10
CA ARG E 82 -9.00 11.17 4.71
C ARG E 82 -8.31 10.89 3.37
N SER E 83 -7.64 9.75 3.27
CA SER E 83 -6.91 9.37 2.07
C SER E 83 -7.73 8.69 0.97
N ALA E 84 -8.97 8.31 1.27
CA ALA E 84 -9.80 7.64 0.28
C ALA E 84 -11.27 7.68 0.66
N TRP E 85 -12.12 7.22 -0.23
CA TRP E 85 -13.53 7.14 0.06
C TRP E 85 -13.80 5.73 0.57
N VAL E 86 -14.77 5.62 1.47
CA VAL E 86 -15.19 4.31 1.97
C VAL E 86 -16.71 4.28 1.81
N ARG E 87 -17.17 3.29 1.06
CA ARG E 87 -18.58 3.14 0.74
C ARG E 87 -19.17 1.80 1.23
N ALA E 88 -20.37 1.85 1.81
CA ALA E 88 -21.00 0.61 2.29
C ALA E 88 -21.37 -0.27 1.10
N LYS E 89 -20.91 -1.52 1.15
CA LYS E 89 -21.18 -2.50 0.09
C LYS E 89 -22.51 -3.17 0.39
N THR E 90 -22.79 -3.37 1.68
CA THR E 90 -24.04 -3.97 2.16
C THR E 90 -24.48 -3.00 3.26
N ALA E 91 -25.53 -3.36 3.99
CA ALA E 91 -25.97 -2.54 5.10
C ALA E 91 -24.84 -2.69 6.12
N CYS E 92 -24.57 -1.64 6.89
CA CYS E 92 -23.48 -1.69 7.88
C CYS E 92 -23.83 -1.11 9.24
N GLU E 93 -23.27 -1.70 10.28
CA GLU E 93 -23.44 -1.22 11.64
C GLU E 93 -22.00 -0.86 11.99
N VAL E 94 -21.75 0.42 12.22
CA VAL E 94 -20.39 0.89 12.49
C VAL E 94 -20.24 1.70 13.78
N ALA E 95 -19.19 1.40 14.55
CA ALA E 95 -18.93 2.11 15.79
C ALA E 95 -17.92 3.21 15.49
N GLU E 96 -18.15 4.39 16.06
CA GLU E 96 -17.26 5.51 15.84
C GLU E 96 -16.74 6.10 17.15
N ILE E 97 -15.48 6.49 17.17
CA ILE E 97 -14.89 7.06 18.36
C ILE E 97 -13.81 8.06 17.95
N SER E 98 -13.70 9.17 18.68
CA SER E 98 -12.71 10.18 18.37
C SER E 98 -11.30 9.64 18.60
N TYR E 99 -10.34 10.18 17.86
CA TYR E 99 -8.95 9.75 18.00
C TYR E 99 -8.51 10.06 19.43
N LYS E 100 -8.97 11.18 19.95
CA LYS E 100 -8.62 11.62 21.31
C LYS E 100 -8.99 10.57 22.37
N LYS E 101 -10.21 10.04 22.30
CA LYS E 101 -10.64 9.04 23.27
C LYS E 101 -10.02 7.67 22.99
N PHE E 102 -9.80 7.37 21.71
CA PHE E 102 -9.20 6.10 21.34
C PHE E 102 -7.82 5.98 21.95
N ARG E 103 -7.08 7.08 21.97
CA ARG E 103 -5.75 7.07 22.56
C ARG E 103 -5.80 6.82 24.07
N GLN E 104 -6.86 7.28 24.72
CA GLN E 104 -6.98 7.04 26.15
C GLN E 104 -7.22 5.54 26.35
N LEU E 105 -8.03 4.95 25.49
CA LEU E 105 -8.32 3.52 25.60
C LEU E 105 -7.05 2.69 25.39
N ILE E 106 -6.15 3.17 24.53
CA ILE E 106 -4.90 2.46 24.26
C ILE E 106 -4.06 2.44 25.52
N GLN E 107 -4.14 3.52 26.27
CA GLN E 107 -3.39 3.65 27.52
C GLN E 107 -3.79 2.55 28.50
N VAL E 108 -5.08 2.27 28.60
CA VAL E 108 -5.53 1.24 29.53
C VAL E 108 -5.44 -0.18 28.96
N ASN E 109 -5.47 -0.31 27.64
CA ASN E 109 -5.38 -1.64 27.00
C ASN E 109 -4.71 -1.59 25.63
N PRO E 110 -3.37 -1.62 25.62
CA PRO E 110 -2.55 -1.58 24.40
C PRO E 110 -2.76 -2.68 23.36
N ASP E 111 -3.44 -3.76 23.71
CA ASP E 111 -3.70 -4.82 22.74
C ASP E 111 -4.47 -4.23 21.56
N ILE E 112 -5.29 -3.21 21.83
CA ILE E 112 -6.07 -2.60 20.76
C ILE E 112 -5.18 -2.01 19.68
N LEU E 113 -4.01 -1.48 20.06
CA LEU E 113 -3.11 -0.92 19.06
C LEU E 113 -2.45 -2.04 18.25
N MET E 114 -2.20 -3.17 18.90
CA MET E 114 -1.57 -4.32 18.24
C MET E 114 -2.47 -4.84 17.12
N ARG E 115 -3.76 -4.89 17.41
CA ARG E 115 -4.76 -5.36 16.45
C ARG E 115 -4.83 -4.38 15.26
N LEU E 116 -4.86 -3.09 15.57
CA LEU E 116 -4.95 -2.08 14.52
C LEU E 116 -3.70 -2.11 13.65
N SER E 117 -2.55 -2.31 14.27
CA SER E 117 -1.28 -2.37 13.56
C SER E 117 -1.22 -3.57 12.62
N ALA E 118 -1.71 -4.72 13.09
CA ALA E 118 -1.70 -5.93 12.28
C ALA E 118 -2.53 -5.72 11.02
N GLN E 119 -3.68 -5.06 11.16
CA GLN E 119 -4.53 -4.81 10.01
C GLN E 119 -3.86 -3.91 8.99
N MET E 120 -3.16 -2.87 9.47
CA MET E 120 -2.44 -1.98 8.57
C MET E 120 -1.32 -2.74 7.85
N ALA E 121 -0.67 -3.65 8.56
CA ALA E 121 0.42 -4.43 7.96
C ALA E 121 -0.11 -5.27 6.81
N ARG E 122 -1.26 -5.91 7.02
CA ARG E 122 -1.85 -6.72 5.98
C ARG E 122 -2.23 -5.87 4.76
N ARG E 123 -2.81 -4.70 5.02
CA ARG E 123 -3.23 -3.81 3.95
C ARG E 123 -2.02 -3.32 3.13
N LEU E 124 -0.89 -3.13 3.79
CA LEU E 124 0.30 -2.69 3.08
C LEU E 124 0.81 -3.82 2.16
N GLN E 125 0.80 -5.06 2.64
CA GLN E 125 1.24 -6.19 1.80
C GLN E 125 0.33 -6.32 0.55
N VAL E 126 -0.99 -6.21 0.76
CA VAL E 126 -1.93 -6.32 -0.35
C VAL E 126 -1.77 -5.21 -1.37
N THR E 127 -1.63 -3.98 -0.89
CA THR E 127 -1.50 -2.81 -1.76
C THR E 127 -0.17 -2.84 -2.52
N SER E 128 0.87 -3.38 -1.90
CA SER E 128 2.17 -3.47 -2.57
C SER E 128 2.07 -4.47 -3.72
N GLU E 129 1.31 -5.52 -3.51
CA GLU E 129 1.11 -6.54 -4.53
C GLU E 129 0.33 -5.96 -5.74
N LYS E 130 -0.61 -5.04 -5.46
CA LYS E 130 -1.38 -4.41 -6.52
C LYS E 130 -0.46 -3.57 -7.39
N VAL E 131 0.47 -2.85 -6.76
CA VAL E 131 1.45 -2.06 -7.49
C VAL E 131 2.21 -2.99 -8.44
N GLY E 132 2.60 -4.17 -7.94
CA GLY E 132 3.29 -5.12 -8.78
C GLY E 132 2.47 -5.61 -9.96
N ASN E 133 1.23 -6.01 -9.70
CA ASN E 133 0.34 -6.50 -10.76
C ASN E 133 0.17 -5.46 -11.87
N LEU E 134 -0.07 -4.21 -11.47
CA LEU E 134 -0.26 -3.12 -12.42
C LEU E 134 1.01 -2.84 -13.23
N ALA E 135 2.16 -3.02 -12.61
CA ALA E 135 3.44 -2.78 -13.29
C ALA E 135 3.90 -3.90 -14.20
N PHE E 136 3.66 -5.14 -13.78
CA PHE E 136 4.13 -6.29 -14.52
C PHE E 136 3.13 -7.10 -15.35
N LEU E 137 1.84 -6.96 -15.07
CA LEU E 137 0.84 -7.75 -15.79
C LEU E 137 -0.04 -7.01 -16.77
N ASP E 138 -0.34 -7.67 -17.90
CA ASP E 138 -1.23 -7.07 -18.88
C ASP E 138 -2.62 -7.28 -18.30
N VAL E 139 -3.64 -6.67 -18.89
CA VAL E 139 -5.00 -6.78 -18.35
C VAL E 139 -5.52 -8.21 -18.27
N THR E 140 -5.19 -9.05 -19.24
CA THR E 140 -5.65 -10.43 -19.22
C THR E 140 -5.10 -11.13 -17.96
N GLY E 141 -3.83 -10.92 -17.67
CA GLY E 141 -3.25 -11.52 -16.49
C GLY E 141 -3.87 -10.97 -15.20
N ARG E 142 -4.15 -9.67 -15.15
CA ARG E 142 -4.72 -9.09 -13.95
C ARG E 142 -6.13 -9.60 -13.68
N ILE E 143 -6.94 -9.66 -14.73
CA ILE E 143 -8.31 -10.15 -14.61
C ILE E 143 -8.31 -11.63 -14.22
N ALA E 144 -7.42 -12.40 -14.84
CA ALA E 144 -7.35 -13.84 -14.54
C ALA E 144 -7.07 -14.06 -13.06
N GLN E 145 -6.13 -13.30 -12.51
CA GLN E 145 -5.76 -13.41 -11.10
C GLN E 145 -6.87 -12.92 -10.18
N THR E 146 -7.54 -11.84 -10.59
CA THR E 146 -8.61 -11.29 -9.79
C THR E 146 -9.79 -12.29 -9.73
N LEU E 147 -10.11 -12.93 -10.85
CA LEU E 147 -11.20 -13.91 -10.85
C LEU E 147 -10.90 -15.09 -9.93
N LEU E 148 -9.65 -15.55 -9.92
CA LEU E 148 -9.28 -16.68 -9.05
C LEU E 148 -9.35 -16.28 -7.59
N ASN E 149 -8.92 -15.05 -7.28
CA ASN E 149 -8.93 -14.57 -5.91
C ASN E 149 -10.33 -14.43 -5.33
N LEU E 150 -11.26 -13.88 -6.11
CA LEU E 150 -12.63 -13.70 -5.65
C LEU E 150 -13.29 -15.06 -5.44
N ALA E 151 -13.02 -15.98 -6.37
CA ALA E 151 -13.59 -17.33 -6.34
C ALA E 151 -13.20 -18.11 -5.09
N LYS E 152 -12.16 -17.65 -4.39
CA LYS E 152 -11.72 -18.35 -3.19
C LYS E 152 -12.05 -17.65 -1.88
N GLN E 153 -12.83 -16.58 -1.95
CA GLN E 153 -13.24 -15.85 -0.76
C GLN E 153 -14.42 -16.57 -0.10
N PRO E 154 -14.71 -16.24 1.18
CA PRO E 154 -15.84 -16.89 1.87
C PRO E 154 -17.23 -16.57 1.33
N ASP E 155 -17.36 -15.48 0.57
CA ASP E 155 -18.68 -15.15 0.01
C ASP E 155 -18.89 -15.84 -1.33
N ALA E 156 -17.86 -16.54 -1.82
CA ALA E 156 -17.97 -17.23 -3.09
C ALA E 156 -18.80 -18.51 -2.91
N MET E 157 -19.56 -18.89 -3.93
CA MET E 157 -20.39 -20.08 -3.88
C MET E 157 -19.74 -21.27 -4.58
N THR E 158 -20.01 -22.47 -4.08
CA THR E 158 -19.45 -23.67 -4.69
C THR E 158 -20.18 -23.94 -6.01
N HIS E 159 -19.55 -24.73 -6.86
CA HIS E 159 -20.11 -25.07 -8.17
C HIS E 159 -19.45 -26.36 -8.65
N PRO E 160 -20.21 -27.25 -9.31
CA PRO E 160 -19.64 -28.52 -9.79
C PRO E 160 -18.36 -28.39 -10.63
N ASP E 161 -18.18 -27.27 -11.31
CA ASP E 161 -17.00 -27.06 -12.15
C ASP E 161 -15.92 -26.17 -11.53
N GLY E 162 -16.14 -25.70 -10.32
CA GLY E 162 -15.16 -24.85 -9.67
C GLY E 162 -15.83 -23.99 -8.61
N MET E 163 -15.81 -22.68 -8.81
CA MET E 163 -16.45 -21.77 -7.86
C MET E 163 -17.23 -20.69 -8.61
N GLN E 164 -18.28 -20.19 -7.97
CA GLN E 164 -19.14 -19.18 -8.59
C GLN E 164 -19.14 -17.87 -7.79
N ILE E 165 -19.07 -16.75 -8.52
CA ILE E 165 -19.08 -15.43 -7.91
C ILE E 165 -20.06 -14.55 -8.67
N LYS E 166 -20.48 -13.46 -8.04
CA LYS E 166 -21.39 -12.53 -8.66
C LYS E 166 -20.77 -11.14 -8.60
N ILE E 167 -20.47 -10.59 -9.78
CA ILE E 167 -19.84 -9.28 -9.89
C ILE E 167 -20.01 -8.74 -11.31
N THR E 168 -20.01 -7.42 -11.46
CA THR E 168 -20.16 -6.81 -12.78
C THR E 168 -18.82 -6.56 -13.49
N ARG E 169 -18.90 -6.42 -14.81
CA ARG E 169 -17.71 -6.14 -15.62
C ARG E 169 -17.15 -4.77 -15.21
N GLN E 170 -18.05 -3.84 -14.86
CA GLN E 170 -17.62 -2.52 -14.43
C GLN E 170 -16.78 -2.63 -13.14
N GLU E 171 -17.26 -3.40 -12.17
CA GLU E 171 -16.49 -3.50 -10.92
C GLU E 171 -15.15 -4.19 -11.14
N ILE E 172 -15.11 -5.18 -12.03
CA ILE E 172 -13.85 -5.86 -12.33
C ILE E 172 -12.89 -4.80 -12.90
N GLY E 173 -13.40 -3.93 -13.76
CA GLY E 173 -12.59 -2.88 -14.34
C GLY E 173 -12.06 -1.91 -13.27
N GLN E 174 -12.86 -1.67 -12.23
CA GLN E 174 -12.44 -0.78 -11.15
C GLN E 174 -11.37 -1.42 -10.26
N ILE E 175 -11.30 -2.75 -10.28
CA ILE E 175 -10.30 -3.46 -9.50
C ILE E 175 -8.98 -3.57 -10.28
N VAL E 176 -9.06 -4.01 -11.54
CA VAL E 176 -7.88 -4.21 -12.38
C VAL E 176 -7.33 -2.97 -13.08
N GLY E 177 -8.11 -1.89 -13.12
CA GLY E 177 -7.67 -0.67 -13.79
C GLY E 177 -7.84 -0.68 -15.31
N CYS E 178 -9.03 -0.98 -15.82
CA CYS E 178 -9.25 -0.96 -17.27
C CYS E 178 -10.71 -0.62 -17.54
N SER E 179 -11.06 -0.38 -18.79
CA SER E 179 -12.45 -0.05 -19.13
C SER E 179 -13.33 -1.28 -19.06
N ARG E 180 -14.63 -1.04 -18.84
CA ARG E 180 -15.60 -2.13 -18.75
C ARG E 180 -15.68 -2.87 -20.09
N GLU E 181 -15.36 -2.19 -21.19
CA GLU E 181 -15.41 -2.82 -22.52
C GLU E 181 -14.31 -3.86 -22.66
N THR E 182 -13.11 -3.50 -22.20
CA THR E 182 -11.97 -4.42 -22.24
C THR E 182 -12.28 -5.66 -21.38
N VAL E 183 -12.86 -5.44 -20.20
CA VAL E 183 -13.21 -6.59 -19.35
C VAL E 183 -14.17 -7.51 -20.11
N GLY E 184 -15.22 -6.93 -20.68
CA GLY E 184 -16.19 -7.71 -21.43
C GLY E 184 -15.58 -8.52 -22.57
N ARG E 185 -14.63 -7.94 -23.29
CA ARG E 185 -13.98 -8.60 -24.41
C ARG E 185 -13.06 -9.72 -23.96
N ILE E 186 -12.44 -9.54 -22.80
CA ILE E 186 -11.55 -10.56 -22.28
C ILE E 186 -12.33 -11.71 -21.66
N LEU E 187 -13.42 -11.41 -20.98
CA LEU E 187 -14.23 -12.48 -20.38
C LEU E 187 -14.74 -13.41 -21.49
N LYS E 188 -15.08 -12.85 -22.65
CA LYS E 188 -15.56 -13.67 -23.76
C LYS E 188 -14.41 -14.52 -24.31
N MET E 189 -13.20 -13.98 -24.35
CA MET E 189 -12.07 -14.74 -24.84
C MET E 189 -11.76 -15.87 -23.85
N LEU E 190 -11.84 -15.57 -22.56
CA LEU E 190 -11.59 -16.59 -21.55
C LEU E 190 -12.64 -17.70 -21.67
N GLU E 191 -13.88 -17.35 -21.96
CA GLU E 191 -14.92 -18.37 -22.10
C GLU E 191 -14.70 -19.21 -23.36
N ASP E 192 -14.21 -18.57 -24.43
CA ASP E 192 -13.94 -19.28 -25.66
C ASP E 192 -12.83 -20.30 -25.42
N GLN E 193 -11.88 -19.94 -24.56
CA GLN E 193 -10.76 -20.81 -24.21
C GLN E 193 -11.23 -21.79 -23.13
N ASN E 194 -12.53 -21.81 -22.91
CA ASN E 194 -13.14 -22.67 -21.91
C ASN E 194 -12.46 -22.66 -20.55
N LEU E 195 -12.20 -21.45 -20.05
CA LEU E 195 -11.58 -21.27 -18.74
C LEU E 195 -12.64 -20.79 -17.76
N ILE E 196 -13.72 -20.23 -18.29
CA ILE E 196 -14.82 -19.74 -17.48
C ILE E 196 -16.14 -19.76 -18.26
N SER E 197 -17.23 -19.47 -17.56
CA SER E 197 -18.55 -19.38 -18.16
C SER E 197 -19.17 -18.16 -17.49
N ALA E 198 -19.69 -17.23 -18.28
CA ALA E 198 -20.28 -16.03 -17.71
C ALA E 198 -21.60 -15.62 -18.35
N HIS E 199 -22.63 -15.45 -17.51
CA HIS E 199 -23.94 -15.03 -17.98
C HIS E 199 -24.43 -13.98 -16.98
N GLY E 200 -24.48 -12.73 -17.40
CA GLY E 200 -24.91 -11.67 -16.50
C GLY E 200 -23.83 -11.41 -15.47
N LYS E 201 -24.21 -11.20 -14.21
CA LYS E 201 -23.26 -10.96 -13.13
C LYS E 201 -22.67 -12.27 -12.60
N THR E 202 -23.20 -13.40 -13.06
CA THR E 202 -22.74 -14.70 -12.60
C THR E 202 -21.58 -15.24 -13.41
N ILE E 203 -20.46 -15.45 -12.75
CA ILE E 203 -19.27 -15.96 -13.40
C ILE E 203 -18.78 -17.24 -12.73
N VAL E 204 -18.52 -18.27 -13.53
CA VAL E 204 -18.03 -19.51 -13.00
C VAL E 204 -16.57 -19.65 -13.41
N VAL E 205 -15.68 -19.80 -12.43
CA VAL E 205 -14.26 -19.97 -12.69
C VAL E 205 -13.96 -21.47 -12.63
N TYR E 206 -13.50 -22.03 -13.75
CA TYR E 206 -13.20 -23.47 -13.81
C TYR E 206 -11.85 -23.85 -13.23
N GLY E 207 -11.67 -25.15 -13.02
CA GLY E 207 -10.41 -25.67 -12.50
C GLY E 207 -9.76 -24.86 -11.41
N THR E 208 -10.55 -24.44 -10.42
CA THR E 208 -10.02 -23.68 -9.29
C THR E 208 -9.79 -24.74 -8.21
N ARG E 209 -10.10 -25.97 -8.58
CA ARG E 209 -9.98 -27.13 -7.72
C ARG E 209 -9.45 -28.30 -8.54
N ASP F 8 15.44 11.49 23.89
CA ASP F 8 14.98 10.24 23.22
C ASP F 8 15.35 9.02 24.06
N PRO F 9 14.86 8.97 25.31
CA PRO F 9 15.15 7.86 26.22
C PRO F 9 14.77 6.50 25.62
N THR F 10 13.56 6.44 25.07
CA THR F 10 13.08 5.19 24.48
C THR F 10 13.97 4.75 23.32
N LEU F 11 14.38 5.70 22.49
CA LEU F 11 15.24 5.38 21.35
C LEU F 11 16.56 4.78 21.83
N GLU F 12 17.15 5.39 22.85
CA GLU F 12 18.40 4.88 23.41
C GLU F 12 18.14 3.51 24.02
N TRP F 13 17.02 3.41 24.72
CA TRP F 13 16.62 2.17 25.37
C TRP F 13 16.43 1.06 24.34
N PHE F 14 15.80 1.41 23.23
CA PHE F 14 15.54 0.45 22.16
C PHE F 14 16.85 -0.03 21.52
N LEU F 15 17.72 0.91 21.18
CA LEU F 15 18.99 0.56 20.54
C LEU F 15 19.91 -0.28 21.41
N SER F 16 19.83 -0.10 22.73
CA SER F 16 20.68 -0.87 23.64
C SER F 16 20.35 -2.36 23.57
N HIS F 17 19.18 -2.68 23.04
CA HIS F 17 18.76 -4.08 22.91
C HIS F 17 18.96 -4.63 21.48
N CYS F 18 19.52 -3.82 20.60
CA CYS F 18 19.73 -4.24 19.20
C CYS F 18 21.18 -4.58 18.85
N HIS F 19 21.36 -5.15 17.66
CA HIS F 19 22.68 -5.49 17.15
C HIS F 19 22.89 -4.53 15.98
N ILE F 20 24.04 -3.87 15.93
CA ILE F 20 24.32 -2.91 14.87
C ILE F 20 25.12 -3.53 13.72
N HIS F 21 24.65 -3.32 12.49
CA HIS F 21 25.33 -3.83 11.31
C HIS F 21 25.58 -2.71 10.30
N LYS F 22 26.48 -2.94 9.36
CA LYS F 22 26.78 -1.96 8.32
C LYS F 22 26.64 -2.64 6.97
N TYR F 23 26.16 -1.90 5.97
CA TYR F 23 26.00 -2.44 4.63
C TYR F 23 26.48 -1.42 3.62
N PRO F 24 27.35 -1.82 2.69
CA PRO F 24 27.84 -0.87 1.69
C PRO F 24 26.74 -0.64 0.64
N SER F 25 26.87 0.46 -0.09
CA SER F 25 25.94 0.81 -1.15
C SER F 25 25.78 -0.34 -2.16
N LYS F 26 24.54 -0.57 -2.60
CA LYS F 26 24.21 -1.62 -3.57
C LYS F 26 24.05 -3.03 -3.01
N SER F 27 24.45 -3.25 -1.76
CA SER F 27 24.29 -4.57 -1.17
C SER F 27 22.84 -4.84 -0.80
N THR F 28 22.53 -6.12 -0.60
CA THR F 28 21.18 -6.55 -0.27
C THR F 28 20.97 -6.76 1.24
N LEU F 29 20.05 -5.99 1.83
CA LEU F 29 19.75 -6.13 3.26
C LEU F 29 18.68 -7.19 3.47
N ILE F 30 17.64 -7.15 2.65
CA ILE F 30 16.54 -8.10 2.74
C ILE F 30 16.26 -8.76 1.40
N HIS F 31 16.10 -10.08 1.40
CA HIS F 31 15.83 -10.85 0.19
C HIS F 31 14.35 -11.23 0.15
N GLN F 32 13.69 -10.92 -0.97
CA GLN F 32 12.26 -11.24 -1.09
C GLN F 32 12.05 -12.75 -1.12
N GLY F 33 11.03 -13.21 -0.39
CA GLY F 33 10.73 -14.63 -0.36
C GLY F 33 11.27 -15.43 0.82
N GLU F 34 12.25 -14.87 1.53
CA GLU F 34 12.81 -15.57 2.68
C GLU F 34 11.96 -15.37 3.93
N LYS F 35 12.15 -16.24 4.92
CA LYS F 35 11.39 -16.18 6.16
C LYS F 35 11.73 -14.94 6.96
N ALA F 36 10.71 -14.25 7.44
CA ALA F 36 10.88 -13.03 8.22
C ALA F 36 10.91 -13.36 9.72
N GLU F 37 12.01 -12.99 10.37
CA GLU F 37 12.16 -13.22 11.80
C GLU F 37 12.83 -12.07 12.54
N THR F 38 13.29 -11.05 11.79
CA THR F 38 13.96 -9.93 12.42
C THR F 38 13.52 -8.56 11.91
N LEU F 39 13.56 -7.59 12.81
CA LEU F 39 13.18 -6.21 12.51
C LEU F 39 14.44 -5.34 12.39
N TYR F 40 14.40 -4.39 11.46
CA TYR F 40 15.49 -3.46 11.22
C TYR F 40 15.10 -2.01 11.53
N TYR F 41 16.09 -1.20 11.89
CA TYR F 41 15.88 0.22 12.16
C TYR F 41 17.09 0.95 11.61
N ILE F 42 16.86 1.83 10.64
CA ILE F 42 17.96 2.56 10.02
C ILE F 42 18.49 3.69 10.91
N VAL F 43 19.76 3.57 11.29
CA VAL F 43 20.38 4.58 12.13
C VAL F 43 21.03 5.63 11.22
N LYS F 44 21.54 5.18 10.08
CA LYS F 44 22.19 6.06 9.13
C LYS F 44 22.13 5.49 7.71
N GLY F 45 21.92 6.37 6.73
CA GLY F 45 21.88 5.93 5.35
C GLY F 45 20.48 5.81 4.77
N SER F 46 20.40 5.32 3.54
CA SER F 46 19.12 5.17 2.89
C SER F 46 19.10 3.90 2.04
N VAL F 47 17.91 3.35 1.86
CA VAL F 47 17.74 2.12 1.08
C VAL F 47 16.58 2.26 0.11
N ALA F 48 16.42 1.27 -0.76
CA ALA F 48 15.31 1.21 -1.71
C ALA F 48 14.59 -0.10 -1.48
N VAL F 49 13.25 -0.07 -1.52
CA VAL F 49 12.44 -1.26 -1.37
C VAL F 49 11.95 -1.55 -2.79
N LEU F 50 12.16 -2.77 -3.27
CA LEU F 50 11.73 -3.08 -4.62
C LEU F 50 11.22 -4.50 -4.81
N ILE F 51 10.41 -4.69 -5.85
CA ILE F 51 9.86 -5.99 -6.19
C ILE F 51 10.30 -6.31 -7.62
N LYS F 52 10.37 -7.59 -7.95
CA LYS F 52 10.82 -8.00 -9.27
C LYS F 52 9.86 -8.99 -9.89
N ASP F 53 9.76 -9.00 -11.23
CA ASP F 53 8.88 -9.96 -11.88
C ASP F 53 9.66 -11.23 -12.19
N GLU F 54 9.01 -12.20 -12.84
CA GLU F 54 9.65 -13.46 -13.17
C GLU F 54 10.83 -13.29 -14.12
N GLU F 55 10.81 -12.22 -14.91
CA GLU F 55 11.86 -11.95 -15.87
C GLU F 55 12.96 -11.07 -15.32
N GLY F 56 12.83 -10.67 -14.06
CA GLY F 56 13.85 -9.84 -13.46
C GLY F 56 13.64 -8.33 -13.55
N LYS F 57 12.55 -7.89 -14.16
CA LYS F 57 12.30 -6.45 -14.24
C LYS F 57 12.00 -5.94 -12.82
N GLU F 58 12.44 -4.72 -12.50
CA GLU F 58 12.25 -4.19 -11.16
C GLU F 58 11.37 -2.96 -11.05
N MET F 59 10.69 -2.83 -9.91
CA MET F 59 9.82 -1.71 -9.60
C MET F 59 10.12 -1.27 -8.18
N ILE F 60 10.41 0.02 -8.02
CA ILE F 60 10.72 0.58 -6.72
C ILE F 60 9.45 0.97 -5.97
N LEU F 61 9.28 0.42 -4.77
CA LEU F 61 8.10 0.73 -3.96
C LEU F 61 8.30 1.93 -3.08
N SER F 62 9.54 2.15 -2.67
CA SER F 62 9.83 3.26 -1.80
C SER F 62 11.31 3.38 -1.44
N TYR F 63 11.69 4.55 -0.98
CA TYR F 63 13.04 4.81 -0.53
C TYR F 63 12.82 5.05 0.97
N LEU F 64 13.68 4.50 1.81
CA LEU F 64 13.55 4.69 3.26
C LEU F 64 14.86 5.30 3.77
N ASN F 65 14.80 6.08 4.86
CA ASN F 65 16.00 6.73 5.38
C ASN F 65 16.16 6.60 6.89
N GLN F 66 17.18 7.25 7.44
CA GLN F 66 17.43 7.16 8.88
C GLN F 66 16.17 7.47 9.67
N GLY F 67 15.91 6.65 10.69
CA GLY F 67 14.74 6.83 11.51
C GLY F 67 13.63 5.89 11.10
N ASP F 68 13.78 5.26 9.94
CA ASP F 68 12.77 4.33 9.45
C ASP F 68 12.99 2.86 9.83
N PHE F 69 11.90 2.18 10.12
CA PHE F 69 11.94 0.75 10.42
C PHE F 69 11.85 0.03 9.08
N ILE F 70 12.31 -1.21 9.03
CA ILE F 70 12.22 -2.02 7.83
C ILE F 70 12.00 -3.44 8.30
N GLY F 71 11.38 -4.26 7.45
CA GLY F 71 11.12 -5.65 7.80
C GLY F 71 10.09 -5.80 8.89
N GLU F 72 9.17 -4.84 8.98
CA GLU F 72 8.14 -4.89 10.00
C GLU F 72 6.91 -5.71 9.62
N LEU F 73 6.68 -5.89 8.32
CA LEU F 73 5.48 -6.60 7.87
C LEU F 73 5.31 -8.06 8.30
N GLY F 74 6.40 -8.75 8.59
CA GLY F 74 6.27 -10.15 9.01
C GLY F 74 6.06 -10.35 10.51
N LEU F 75 6.04 -9.26 11.26
CA LEU F 75 5.89 -9.31 12.72
C LEU F 75 4.51 -9.62 13.32
N PHE F 76 3.44 -9.30 12.61
CA PHE F 76 2.10 -9.52 13.15
C PHE F 76 1.44 -10.85 12.84
N GLU F 77 2.09 -11.65 12.03
CA GLU F 77 1.53 -12.95 11.65
C GLU F 77 2.66 -13.97 11.51
N GLU F 78 2.40 -15.20 11.95
CA GLU F 78 3.40 -16.26 11.90
C GLU F 78 3.58 -16.83 10.50
N GLY F 79 4.78 -17.33 10.23
CA GLY F 79 5.07 -17.91 8.93
C GLY F 79 5.01 -16.98 7.74
N GLN F 80 5.36 -15.72 7.93
CA GLN F 80 5.32 -14.78 6.81
C GLN F 80 6.67 -14.69 6.11
N GLU F 81 6.63 -14.36 4.83
CA GLU F 81 7.83 -14.21 4.02
C GLU F 81 8.04 -12.74 3.67
N ARG F 82 9.30 -12.36 3.46
CA ARG F 82 9.63 -10.99 3.09
C ARG F 82 8.84 -10.64 1.82
N SER F 83 8.11 -9.53 1.86
CA SER F 83 7.29 -9.08 0.73
C SER F 83 8.09 -8.40 -0.37
N ALA F 84 9.35 -8.10 -0.14
CA ALA F 84 10.13 -7.41 -1.15
C ALA F 84 11.61 -7.41 -0.83
N TRP F 85 12.42 -6.95 -1.77
CA TRP F 85 13.86 -6.85 -1.58
C TRP F 85 14.14 -5.45 -1.03
N VAL F 86 15.21 -5.33 -0.24
CA VAL F 86 15.60 -4.03 0.24
C VAL F 86 17.09 -3.94 -0.05
N ARG F 87 17.46 -2.94 -0.86
CA ARG F 87 18.84 -2.73 -1.27
C ARG F 87 19.37 -1.40 -0.77
N ALA F 88 20.60 -1.38 -0.29
CA ALA F 88 21.18 -0.13 0.20
C ALA F 88 21.48 0.81 -0.97
N LYS F 89 21.17 2.09 -0.81
CA LYS F 89 21.44 3.08 -1.86
C LYS F 89 22.77 3.72 -1.53
N THR F 90 22.91 4.08 -0.26
CA THR F 90 24.14 4.67 0.28
C THR F 90 24.63 3.65 1.32
N ALA F 91 25.77 3.91 1.93
CA ALA F 91 26.29 3.01 2.96
C ALA F 91 25.34 3.18 4.14
N CYS F 92 24.94 2.08 4.77
CA CYS F 92 24.00 2.15 5.88
C CYS F 92 24.47 1.58 7.22
N GLU F 93 23.92 2.15 8.29
CA GLU F 93 24.16 1.69 9.65
C GLU F 93 22.77 1.28 10.11
N VAL F 94 22.59 0.01 10.42
CA VAL F 94 21.28 -0.49 10.80
C VAL F 94 21.21 -1.30 12.10
N ALA F 95 20.20 -1.01 12.90
CA ALA F 95 19.98 -1.72 14.15
C ALA F 95 19.08 -2.89 13.78
N GLU F 96 19.39 -4.07 14.32
CA GLU F 96 18.63 -5.27 14.01
C GLU F 96 18.24 -5.98 15.30
N ILE F 97 17.00 -6.45 15.35
CA ILE F 97 16.51 -7.14 16.53
C ILE F 97 15.52 -8.21 16.13
N SER F 98 15.49 -9.31 16.87
CA SER F 98 14.57 -10.41 16.57
C SER F 98 13.14 -10.03 16.90
N TYR F 99 12.18 -10.60 16.19
CA TYR F 99 10.77 -10.33 16.45
C TYR F 99 10.47 -10.71 17.90
N LYS F 100 11.00 -11.86 18.31
CA LYS F 100 10.80 -12.35 19.66
C LYS F 100 11.15 -11.30 20.71
N LYS F 101 12.35 -10.76 20.62
CA LYS F 101 12.78 -9.77 21.58
C LYS F 101 12.02 -8.44 21.45
N PHE F 102 11.65 -8.08 20.23
CA PHE F 102 10.93 -6.83 20.03
C PHE F 102 9.58 -6.90 20.74
N ARG F 103 8.92 -8.04 20.65
CA ARG F 103 7.62 -8.21 21.30
C ARG F 103 7.77 -8.00 22.80
N GLN F 104 8.89 -8.46 23.35
CA GLN F 104 9.15 -8.28 24.77
C GLN F 104 9.30 -6.81 25.13
N LEU F 105 9.91 -6.03 24.23
CA LEU F 105 10.09 -4.61 24.49
C LEU F 105 8.75 -3.87 24.42
N ILE F 106 7.88 -4.32 23.53
CA ILE F 106 6.56 -3.71 23.37
C ILE F 106 5.78 -3.75 24.68
N GLN F 107 5.92 -4.86 25.40
CA GLN F 107 5.25 -5.04 26.68
C GLN F 107 5.61 -3.98 27.71
N VAL F 108 6.90 -3.77 27.95
CA VAL F 108 7.33 -2.80 28.96
C VAL F 108 7.08 -1.36 28.54
N ASN F 109 7.04 -1.11 27.23
CA ASN F 109 6.79 0.22 26.73
C ASN F 109 6.16 0.17 25.35
N PRO F 110 4.82 0.12 25.31
CA PRO F 110 4.08 0.06 24.05
C PRO F 110 4.17 1.30 23.17
N ASP F 111 4.86 2.33 23.64
CA ASP F 111 5.01 3.53 22.82
C ASP F 111 5.94 3.21 21.66
N ILE F 112 6.68 2.11 21.76
CA ILE F 112 7.59 1.72 20.70
C ILE F 112 6.76 1.22 19.53
N LEU F 113 5.64 0.56 19.82
CA LEU F 113 4.75 0.06 18.78
C LEU F 113 4.06 1.24 18.09
N MET F 114 3.75 2.28 18.87
CA MET F 114 3.09 3.47 18.37
C MET F 114 3.90 4.15 17.26
N ARG F 115 5.20 4.30 17.47
CA ARG F 115 6.06 4.91 16.48
C ARG F 115 6.12 4.02 15.23
N LEU F 116 6.10 2.71 15.43
CA LEU F 116 6.15 1.78 14.31
C LEU F 116 4.85 1.86 13.51
N SER F 117 3.73 1.88 14.22
CA SER F 117 2.42 1.96 13.58
C SER F 117 2.30 3.26 12.78
N ALA F 118 2.84 4.35 13.34
CA ALA F 118 2.79 5.63 12.65
C ALA F 118 3.49 5.57 11.28
N GLN F 119 4.60 4.82 11.19
CA GLN F 119 5.30 4.71 9.91
C GLN F 119 4.55 3.83 8.91
N MET F 120 3.91 2.77 9.40
CA MET F 120 3.13 1.91 8.53
C MET F 120 1.94 2.68 7.98
N ALA F 121 1.36 3.56 8.80
CA ALA F 121 0.23 4.36 8.36
C ALA F 121 0.66 5.25 7.19
N ARG F 122 1.81 5.92 7.33
CA ARG F 122 2.32 6.78 6.26
C ARG F 122 2.66 5.98 4.99
N ARG F 123 3.23 4.80 5.15
CA ARG F 123 3.58 3.98 3.99
C ARG F 123 2.33 3.51 3.23
N LEU F 124 1.24 3.29 3.95
CA LEU F 124 0.02 2.85 3.29
C LEU F 124 -0.56 4.00 2.48
N GLN F 125 -0.52 5.21 3.03
CA GLN F 125 -1.03 6.39 2.33
C GLN F 125 -0.22 6.58 1.03
N VAL F 126 1.11 6.51 1.15
CA VAL F 126 2.01 6.69 0.03
C VAL F 126 1.84 5.61 -1.05
N THR F 127 1.76 4.35 -0.64
CA THR F 127 1.61 3.26 -1.59
C THR F 127 0.22 3.30 -2.28
N SER F 128 -0.79 3.77 -1.57
CA SER F 128 -2.14 3.88 -2.17
C SER F 128 -2.09 4.96 -3.25
N GLU F 129 -1.35 6.03 -2.98
CA GLU F 129 -1.20 7.11 -3.93
C GLU F 129 -0.49 6.58 -5.18
N LYS F 130 0.49 5.69 -4.97
CA LYS F 130 1.23 5.11 -6.08
C LYS F 130 0.29 4.28 -6.97
N VAL F 131 -0.64 3.54 -6.35
CA VAL F 131 -1.62 2.73 -7.11
C VAL F 131 -2.45 3.68 -8.01
N GLY F 132 -2.92 4.78 -7.42
CA GLY F 132 -3.71 5.74 -8.19
C GLY F 132 -2.93 6.28 -9.39
N ASN F 133 -1.67 6.63 -9.18
CA ASN F 133 -0.84 7.14 -10.26
C ASN F 133 -0.64 6.13 -11.39
N LEU F 134 -0.43 4.85 -11.04
CA LEU F 134 -0.22 3.81 -12.05
C LEU F 134 -1.48 3.54 -12.85
N ALA F 135 -2.63 3.68 -12.20
CA ALA F 135 -3.89 3.42 -12.87
C ALA F 135 -4.43 4.62 -13.64
N PHE F 136 -4.22 5.83 -13.12
CA PHE F 136 -4.77 7.05 -13.72
C PHE F 136 -3.89 7.94 -14.60
N LEU F 137 -2.57 7.84 -14.49
CA LEU F 137 -1.70 8.70 -15.29
C LEU F 137 -0.90 7.99 -16.37
N ASP F 138 -0.69 8.66 -17.51
CA ASP F 138 0.12 8.08 -18.56
C ASP F 138 1.58 8.26 -18.11
N VAL F 139 2.52 7.61 -18.79
CA VAL F 139 3.93 7.68 -18.41
C VAL F 139 4.50 9.09 -18.31
N THR F 140 4.09 9.98 -19.21
CA THR F 140 4.57 11.34 -19.18
C THR F 140 4.18 12.01 -17.87
N GLY F 141 2.95 11.78 -17.43
CA GLY F 141 2.49 12.36 -16.18
C GLY F 141 3.18 11.77 -14.97
N ARG F 142 3.47 10.47 -15.00
CA ARG F 142 4.13 9.84 -13.87
C ARG F 142 5.57 10.34 -13.77
N ILE F 143 6.24 10.48 -14.92
CA ILE F 143 7.62 10.97 -14.94
C ILE F 143 7.73 12.40 -14.46
N ALA F 144 6.78 13.25 -14.86
CA ALA F 144 6.78 14.65 -14.46
C ALA F 144 6.63 14.81 -12.95
N GLN F 145 5.69 14.07 -12.37
CA GLN F 145 5.46 14.14 -10.94
C GLN F 145 6.69 13.65 -10.17
N THR F 146 7.35 12.63 -10.69
CA THR F 146 8.53 12.06 -10.05
C THR F 146 9.72 13.03 -10.08
N LEU F 147 9.94 13.66 -11.24
CA LEU F 147 11.02 14.63 -11.37
C LEU F 147 10.80 15.77 -10.39
N LEU F 148 9.56 16.24 -10.28
CA LEU F 148 9.22 17.34 -9.39
C LEU F 148 9.37 16.97 -7.91
N ASN F 149 8.94 15.77 -7.53
CA ASN F 149 9.07 15.35 -6.13
C ASN F 149 10.54 15.17 -5.74
N LEU F 150 11.33 14.61 -6.66
CA LEU F 150 12.74 14.40 -6.41
C LEU F 150 13.47 15.74 -6.25
N ALA F 151 13.02 16.73 -7.02
CA ALA F 151 13.63 18.05 -6.98
C ALA F 151 13.36 18.84 -5.71
N LYS F 152 12.39 18.40 -4.91
CA LYS F 152 12.10 19.12 -3.68
C LYS F 152 12.50 18.35 -2.43
N GLN F 153 13.31 17.32 -2.62
CA GLN F 153 13.79 16.52 -1.51
C GLN F 153 15.03 17.21 -0.95
N PRO F 154 15.35 16.99 0.33
CA PRO F 154 16.52 17.61 0.96
C PRO F 154 17.83 17.41 0.22
N ASP F 155 18.00 16.25 -0.41
CA ASP F 155 19.23 15.96 -1.14
C ASP F 155 19.28 16.55 -2.56
N ALA F 156 18.37 17.47 -2.85
CA ALA F 156 18.34 18.11 -4.16
C ALA F 156 19.36 19.25 -4.14
N MET F 157 19.99 19.49 -5.27
CA MET F 157 20.99 20.55 -5.36
C MET F 157 20.41 21.86 -5.89
N THR F 158 20.95 22.96 -5.38
CA THR F 158 20.53 24.29 -5.81
C THR F 158 21.13 24.56 -7.18
N HIS F 159 20.40 25.29 -8.00
CA HIS F 159 20.87 25.61 -9.33
C HIS F 159 20.23 26.94 -9.66
N PRO F 160 20.96 27.82 -10.35
CA PRO F 160 20.40 29.14 -10.70
C PRO F 160 19.09 29.12 -11.48
N ASP F 161 18.80 28.04 -12.20
CA ASP F 161 17.57 27.99 -12.97
C ASP F 161 16.46 27.20 -12.27
N GLY F 162 16.77 26.68 -11.08
CA GLY F 162 15.81 25.91 -10.33
C GLY F 162 16.49 24.93 -9.40
N MET F 163 16.22 23.64 -9.58
CA MET F 163 16.83 22.62 -8.74
C MET F 163 17.47 21.54 -9.62
N GLN F 164 18.48 20.86 -9.09
CA GLN F 164 19.18 19.85 -9.85
C GLN F 164 19.20 18.48 -9.18
N ILE F 165 18.98 17.43 -9.97
CA ILE F 165 19.02 16.06 -9.46
C ILE F 165 19.85 15.17 -10.37
N LYS F 166 20.23 14.02 -9.86
CA LYS F 166 21.01 13.05 -10.62
C LYS F 166 20.37 11.69 -10.51
N ILE F 167 20.05 11.12 -11.66
CA ILE F 167 19.38 9.83 -11.70
C ILE F 167 19.43 9.30 -13.13
N THR F 168 19.44 7.99 -13.29
CA THR F 168 19.49 7.41 -14.64
C THR F 168 18.08 7.24 -15.20
N ARG F 169 17.99 7.09 -16.51
CA ARG F 169 16.72 6.89 -17.17
C ARG F 169 16.20 5.51 -16.76
N GLN F 170 17.12 4.58 -16.51
CA GLN F 170 16.74 3.23 -16.09
C GLN F 170 16.08 3.27 -14.70
N GLU F 171 16.62 4.06 -13.77
CA GLU F 171 16.00 4.12 -12.44
C GLU F 171 14.65 4.84 -12.45
N ILE F 172 14.52 5.89 -13.26
CA ILE F 172 13.25 6.57 -13.34
C ILE F 172 12.26 5.52 -13.85
N GLY F 173 12.70 4.71 -14.80
CA GLY F 173 11.85 3.65 -15.34
C GLY F 173 11.40 2.65 -14.27
N GLN F 174 12.27 2.37 -13.31
CA GLN F 174 11.93 1.43 -12.25
C GLN F 174 10.98 2.06 -11.23
N ILE F 175 10.97 3.39 -11.19
CA ILE F 175 10.08 4.10 -10.29
C ILE F 175 8.68 4.23 -10.91
N VAL F 176 8.59 4.61 -12.20
CA VAL F 176 7.28 4.81 -12.83
C VAL F 176 6.66 3.61 -13.55
N GLY F 177 7.43 2.56 -13.75
CA GLY F 177 6.92 1.38 -14.44
C GLY F 177 6.90 1.45 -15.96
N CYS F 178 8.04 1.73 -16.59
CA CYS F 178 8.11 1.77 -18.05
C CYS F 178 9.53 1.43 -18.48
N SER F 179 9.77 1.20 -19.76
CA SER F 179 11.11 0.85 -20.22
C SER F 179 12.04 2.06 -20.21
N ARG F 180 13.33 1.78 -20.14
CA ARG F 180 14.35 2.82 -20.12
C ARG F 180 14.28 3.65 -21.41
N GLU F 181 13.96 3.01 -22.54
CA GLU F 181 13.88 3.72 -23.81
C GLU F 181 12.77 4.75 -23.81
N THR F 182 11.64 4.40 -23.18
CA THR F 182 10.51 5.30 -23.09
C THR F 182 10.86 6.49 -22.21
N VAL F 183 11.57 6.25 -21.11
CA VAL F 183 11.98 7.37 -20.24
C VAL F 183 12.85 8.31 -21.09
N GLY F 184 13.78 7.71 -21.85
CA GLY F 184 14.67 8.49 -22.69
C GLY F 184 13.96 9.39 -23.69
N ARG F 185 12.92 8.86 -24.32
CA ARG F 185 12.16 9.64 -25.27
C ARG F 185 11.34 10.71 -24.58
N ILE F 186 10.77 10.38 -23.42
CA ILE F 186 9.97 11.38 -22.71
C ILE F 186 10.84 12.53 -22.17
N LEU F 187 12.04 12.23 -21.69
CA LEU F 187 12.89 13.33 -21.20
C LEU F 187 13.23 14.27 -22.36
N LYS F 188 13.47 13.73 -23.55
CA LYS F 188 13.77 14.58 -24.70
C LYS F 188 12.59 15.48 -25.02
N MET F 189 11.37 14.95 -24.94
CA MET F 189 10.16 15.72 -25.20
C MET F 189 9.95 16.79 -24.11
N LEU F 190 10.25 16.45 -22.86
CA LEU F 190 10.08 17.43 -21.77
C LEU F 190 11.12 18.55 -21.94
N GLU F 191 12.30 18.21 -22.47
CA GLU F 191 13.31 19.24 -22.70
C GLU F 191 12.81 20.12 -23.85
N ASP F 192 12.23 19.49 -24.87
CA ASP F 192 11.67 20.23 -26.01
C ASP F 192 10.64 21.26 -25.56
N GLN F 193 9.98 20.98 -24.44
CA GLN F 193 8.96 21.88 -23.91
C GLN F 193 9.56 22.84 -22.88
N ASN F 194 10.88 22.78 -22.73
CA ASN F 194 11.61 23.65 -21.81
C ASN F 194 11.23 23.51 -20.35
N LEU F 195 10.86 22.30 -19.94
CA LEU F 195 10.49 22.07 -18.56
C LEU F 195 11.72 21.58 -17.80
N ILE F 196 12.65 20.95 -18.52
CA ILE F 196 13.87 20.44 -17.93
C ILE F 196 15.04 20.53 -18.90
N SER F 197 16.23 20.28 -18.37
CA SER F 197 17.45 20.24 -19.15
C SER F 197 18.17 18.97 -18.68
N ALA F 198 18.46 18.07 -19.60
CA ALA F 198 19.13 16.83 -19.20
C ALA F 198 20.41 16.52 -19.95
N HIS F 199 21.50 16.40 -19.21
CA HIS F 199 22.80 16.06 -19.76
C HIS F 199 23.27 14.84 -18.96
N GLY F 200 23.34 13.69 -19.61
CA GLY F 200 23.76 12.49 -18.90
C GLY F 200 22.80 12.19 -17.77
N LYS F 201 23.32 11.98 -16.57
CA LYS F 201 22.50 11.69 -15.38
C LYS F 201 22.03 12.93 -14.66
N THR F 202 22.49 14.10 -15.11
CA THR F 202 22.14 15.35 -14.46
C THR F 202 20.90 15.99 -15.07
N ILE F 203 19.89 16.22 -14.23
CA ILE F 203 18.68 16.84 -14.71
C ILE F 203 18.37 18.11 -13.92
N VAL F 204 18.13 19.19 -14.64
CA VAL F 204 17.78 20.43 -14.01
C VAL F 204 16.27 20.63 -14.21
N VAL F 205 15.54 20.77 -13.10
CA VAL F 205 14.10 20.99 -13.15
C VAL F 205 13.89 22.50 -13.03
N TYR F 206 13.48 23.14 -14.12
CA TYR F 206 13.29 24.59 -14.13
C TYR F 206 12.21 25.10 -13.17
N GLY F 207 12.56 26.19 -12.47
CA GLY F 207 11.66 26.80 -11.52
C GLY F 207 12.13 28.16 -11.08
#